data_7VR8
#
_entry.id   7VR8
#
_cell.length_a   1.00
_cell.length_b   1.00
_cell.length_c   1.00
_cell.angle_alpha   90.00
_cell.angle_beta   90.00
_cell.angle_gamma   90.00
#
_symmetry.space_group_name_H-M   'P 1'
#
loop_
_entity.id
_entity.type
_entity.pdbx_description
1 polymer 'Excitatory amino acid transporter 2'
2 non-polymer (3beta,14beta,17beta,25R)-3-[4-methoxy-3-(methoxymethyl)butoxy]spirost-5-en
3 non-polymer CHOLESTEROL
4 non-polymer 1,2-DIACYL-SN-GLYCERO-3-PHOSPHOCHOLINE
#
_entity_poly.entity_id   1
_entity_poly.type   'polypeptide(L)'
_entity_poly.pdbx_seq_one_letter_code
;MASTEGANNMPKQVEVRMHDSHLGSEEPKHRHLGLRLCDKLGKNLLLTLTVFGVILGAVCGGLLRLASPIHPDVVMLIAF
PGDILMRMLKMLILPLIISSLITGLSGLDAKASGRLGTRAMVYYMSTTIIAAVLGVILVLAIHPGNPKLKKQLGPGKKND
EVSSLDAFLDLIRNLFPENLVQACFQQIQTVTKKVLVAPPPDEEANATSAVVSLLNETVTEVPEETKMVIKKGLEFKDGM
NVLGLIGFFIAFGIAMGKMGDQAKLMVDFFNILNEIVMKLVIMIMWYSPLGIACLICGKIIAIKDLEVVARQLGMYMVTV
IIGLIIHGGIFLPLIYFVVTRKNPFSFFAGIFQAWITALGTASSAGTLPVTFRCLEENLGIDKRVTRFVLPVGATINMDG
TALYEAVAAIFIAQMNGVVLDGGQIVTVSLTATLASVGAASIPSAGLVTMLLILTAVGLPTEDISLLVAVDWLLDRMRTS
VNVVGDSFGAGIVYHLSKSELDTIDSQHRVHEDIEMTKTQSIYDDMKNHRESNSNQCVYAAHNSVIVDECKVTLAANGKS
ADCSVEEEPWKREKENLYFQG
;
_entity_poly.pdbx_strand_id   A
#
# COMPACT_ATOMS: atom_id res chain seq x y z
N ASN A 44 1.14 20.33 -3.01
CA ASN A 44 0.10 19.69 -3.85
C ASN A 44 -1.27 20.20 -3.44
N LEU A 45 -1.93 20.94 -4.34
CA LEU A 45 -3.27 21.53 -4.09
C LEU A 45 -4.22 20.52 -3.44
N LEU A 46 -4.23 19.28 -3.96
CA LEU A 46 -5.17 18.22 -3.49
C LEU A 46 -4.75 17.69 -2.12
N LEU A 47 -3.45 17.52 -1.86
CA LEU A 47 -2.97 17.09 -0.51
C LEU A 47 -3.41 18.16 0.49
N THR A 48 -3.06 19.42 0.23
CA THR A 48 -3.50 20.58 1.05
C THR A 48 -5.03 20.61 1.12
N LEU A 49 -5.72 20.40 -0.02
CA LEU A 49 -7.20 20.34 -0.05
C LEU A 49 -7.71 19.23 0.86
N THR A 50 -7.13 18.03 0.76
CA THR A 50 -7.56 16.85 1.56
C THR A 50 -7.40 17.17 3.05
N VAL A 51 -6.29 17.81 3.44
CA VAL A 51 -6.00 18.13 4.87
C VAL A 51 -6.99 19.19 5.36
N PHE A 52 -7.28 20.20 4.52
CA PHE A 52 -8.27 21.26 4.82
C PHE A 52 -9.63 20.59 5.07
N GLY A 53 -10.01 19.67 4.16
CA GLY A 53 -11.25 18.88 4.29
C GLY A 53 -11.29 18.11 5.60
N VAL A 54 -10.17 17.47 5.97
CA VAL A 54 -10.05 16.70 7.23
C VAL A 54 -10.39 17.65 8.38
N ILE A 55 -9.71 18.80 8.43
CA ILE A 55 -9.85 19.78 9.55
C ILE A 55 -11.32 20.19 9.62
N LEU A 56 -11.85 20.61 8.48
CA LEU A 56 -13.26 21.02 8.34
C LEU A 56 -14.12 19.89 8.88
N GLY A 57 -14.09 18.74 8.22
CA GLY A 57 -14.86 17.55 8.63
C GLY A 57 -14.82 17.39 10.15
N ALA A 58 -13.59 17.42 10.69
CA ALA A 58 -13.34 17.21 12.13
C ALA A 58 -14.08 18.29 12.92
N VAL A 59 -13.89 19.55 12.54
CA VAL A 59 -14.46 20.68 13.32
C VAL A 59 -15.98 20.52 13.32
N CYS A 60 -16.58 20.24 12.16
CA CYS A 60 -18.05 20.13 11.99
C CYS A 60 -18.59 19.01 12.88
N GLY A 61 -17.96 17.82 12.81
CA GLY A 61 -18.30 16.66 13.66
C GLY A 61 -18.30 17.07 15.13
N GLY A 62 -17.19 17.66 15.60
CA GLY A 62 -17.03 18.11 17.00
C GLY A 62 -18.14 19.06 17.41
N LEU A 63 -18.42 20.06 16.57
CA LEU A 63 -19.48 21.08 16.81
C LEU A 63 -20.82 20.36 17.00
N LEU A 64 -21.19 19.50 16.05
CA LEU A 64 -22.50 18.77 16.11
C LEU A 64 -22.58 17.96 17.42
N ARG A 65 -21.49 17.26 17.76
CA ARG A 65 -21.44 16.37 18.96
C ARG A 65 -21.64 17.22 20.22
N LEU A 66 -20.89 18.31 20.36
CA LEU A 66 -21.01 19.22 21.54
C LEU A 66 -22.35 19.95 21.49
N ALA A 67 -22.89 20.20 20.29
CA ALA A 67 -24.21 20.85 20.11
C ALA A 67 -25.32 19.95 20.67
N SER A 68 -25.38 18.69 20.24
CA SER A 68 -26.43 17.72 20.65
C SER A 68 -26.16 16.33 20.10
N PRO A 69 -26.80 15.25 20.63
CA PRO A 69 -26.70 13.92 20.04
C PRO A 69 -27.46 13.88 18.70
N ILE A 70 -26.76 13.66 17.59
CA ILE A 70 -27.34 13.69 16.21
C ILE A 70 -28.20 12.43 16.04
N HIS A 71 -29.34 12.58 15.35
CA HIS A 71 -30.27 11.47 15.02
C HIS A 71 -29.55 10.47 14.11
N PRO A 72 -29.77 9.13 14.28
CA PRO A 72 -29.06 8.11 13.49
C PRO A 72 -29.21 8.30 11.98
N ASP A 73 -30.45 8.53 11.52
CA ASP A 73 -30.71 8.86 10.09
C ASP A 73 -29.90 10.09 9.67
N VAL A 74 -29.80 11.13 10.51
CA VAL A 74 -29.07 12.36 10.07
C VAL A 74 -27.55 12.06 10.07
N VAL A 75 -27.03 11.27 10.99
CA VAL A 75 -25.57 10.93 10.93
C VAL A 75 -25.33 10.19 9.61
N MET A 76 -26.25 9.27 9.27
CA MET A 76 -26.17 8.49 8.01
C MET A 76 -26.06 9.47 6.83
N LEU A 77 -26.99 10.42 6.75
CA LEU A 77 -27.00 11.44 5.66
C LEU A 77 -25.73 12.29 5.72
N ILE A 78 -25.16 12.51 6.91
CA ILE A 78 -23.91 13.30 7.08
C ILE A 78 -22.74 12.53 6.43
N ALA A 79 -22.56 11.26 6.79
CA ALA A 79 -21.40 10.45 6.32
C ALA A 79 -21.60 9.96 4.87
N PHE A 80 -22.86 9.97 4.41
CA PHE A 80 -23.27 9.46 3.08
C PHE A 80 -22.31 9.87 1.95
N PRO A 81 -22.00 11.15 1.71
CA PRO A 81 -21.11 11.51 0.61
C PRO A 81 -19.72 10.89 0.73
N GLY A 82 -19.39 10.35 1.89
CA GLY A 82 -18.20 9.51 2.05
C GLY A 82 -18.43 8.12 1.54
N ASP A 83 -19.59 7.53 1.89
CA ASP A 83 -20.00 6.22 1.32
C ASP A 83 -19.82 6.23 -0.21
N ILE A 84 -20.23 7.30 -0.83
CA ILE A 84 -20.22 7.37 -2.31
C ILE A 84 -18.75 7.45 -2.77
N LEU A 85 -17.89 8.15 -2.03
CA LEU A 85 -16.44 8.24 -2.39
C LEU A 85 -15.83 6.84 -2.44
N MET A 86 -16.19 5.98 -1.47
CA MET A 86 -15.69 4.60 -1.38
C MET A 86 -16.26 3.82 -2.54
N ARG A 87 -17.60 3.83 -2.65
CA ARG A 87 -18.32 3.12 -3.74
C ARG A 87 -17.71 3.45 -5.12
N MET A 88 -17.30 4.65 -5.34
CA MET A 88 -16.73 5.02 -6.63
C MET A 88 -15.33 4.43 -6.66
N LEU A 89 -14.52 4.64 -5.64
CA LEU A 89 -13.12 4.16 -5.72
C LEU A 89 -13.10 2.65 -5.86
N LYS A 90 -13.90 1.95 -5.03
CA LYS A 90 -13.91 0.48 -4.93
C LYS A 90 -14.35 -0.08 -6.27
N MET A 91 -14.99 0.67 -7.11
CA MET A 91 -15.55 0.19 -8.36
C MET A 91 -14.47 0.42 -9.40
N LEU A 92 -13.38 1.04 -9.06
CA LEU A 92 -12.28 1.09 -10.04
C LEU A 92 -11.25 0.04 -9.67
N ILE A 93 -11.36 -0.63 -8.48
CA ILE A 93 -10.31 -1.60 -8.11
C ILE A 93 -10.16 -2.68 -9.17
N LEU A 94 -11.19 -3.42 -9.43
CA LEU A 94 -11.09 -4.51 -10.45
C LEU A 94 -10.49 -4.06 -11.79
N PRO A 95 -11.03 -3.08 -12.52
CA PRO A 95 -10.43 -2.67 -13.80
C PRO A 95 -8.98 -2.27 -13.60
N LEU A 96 -8.71 -1.58 -12.49
CA LEU A 96 -7.33 -1.09 -12.18
C LEU A 96 -6.39 -2.29 -12.04
N ILE A 97 -6.79 -3.31 -11.26
CA ILE A 97 -6.01 -4.57 -11.07
C ILE A 97 -5.70 -5.24 -12.44
N ILE A 98 -6.68 -5.35 -13.28
CA ILE A 98 -6.58 -6.06 -14.57
C ILE A 98 -5.64 -5.24 -15.49
N SER A 99 -5.89 -3.94 -15.69
CA SER A 99 -5.14 -3.11 -16.68
C SER A 99 -3.71 -2.98 -16.17
N SER A 100 -3.53 -2.68 -14.86
CA SER A 100 -2.20 -2.48 -14.25
C SER A 100 -1.35 -3.73 -14.43
N LEU A 101 -1.89 -4.88 -14.03
CA LEU A 101 -1.14 -6.15 -14.11
C LEU A 101 -0.72 -6.42 -15.56
N ILE A 102 -1.61 -6.24 -16.51
CA ILE A 102 -1.44 -6.68 -17.92
C ILE A 102 -0.58 -5.61 -18.63
N THR A 103 -0.74 -4.33 -18.31
CA THR A 103 -0.01 -3.21 -18.97
C THR A 103 1.43 -3.24 -18.50
N GLY A 104 1.66 -3.50 -17.21
CA GLY A 104 3.00 -3.57 -16.57
C GLY A 104 3.82 -4.79 -16.95
N LEU A 105 3.38 -5.95 -16.48
CA LEU A 105 4.08 -7.22 -16.79
C LEU A 105 4.26 -7.45 -18.30
N SER A 106 3.58 -6.76 -19.21
CA SER A 106 3.82 -7.00 -20.66
C SER A 106 4.60 -5.83 -21.24
N GLY A 107 3.99 -4.65 -21.26
CA GLY A 107 4.56 -3.42 -21.85
C GLY A 107 5.98 -3.16 -21.37
N LEU A 108 6.18 -3.22 -20.05
CA LEU A 108 7.47 -2.81 -19.41
C LEU A 108 8.29 -4.05 -19.00
N ASP A 109 8.21 -5.16 -19.72
CA ASP A 109 9.18 -6.29 -19.57
C ASP A 109 9.74 -6.66 -20.95
N GLY A 114 18.31 -7.12 -18.27
CA GLY A 114 19.60 -7.82 -18.09
C GLY A 114 19.67 -8.63 -16.80
N ARG A 115 20.86 -8.86 -16.28
CA ARG A 115 21.05 -9.55 -14.99
C ARG A 115 20.88 -8.51 -13.89
N LEU A 116 21.66 -7.44 -13.94
CA LEU A 116 21.62 -6.41 -12.86
C LEU A 116 20.18 -5.95 -12.61
N GLY A 117 19.38 -5.86 -13.67
CA GLY A 117 17.94 -5.55 -13.59
C GLY A 117 17.20 -6.56 -12.75
N THR A 118 17.50 -7.84 -12.96
CA THR A 118 16.97 -8.97 -12.14
C THR A 118 17.34 -8.75 -10.68
N ARG A 119 18.60 -8.39 -10.42
CA ARG A 119 19.15 -8.16 -9.05
C ARG A 119 18.30 -7.08 -8.36
N ALA A 120 18.07 -5.97 -9.06
CA ALA A 120 17.32 -4.80 -8.51
C ALA A 120 15.91 -5.25 -8.10
N MET A 121 15.22 -5.95 -9.01
CA MET A 121 13.84 -6.47 -8.79
C MET A 121 13.82 -7.40 -7.58
N VAL A 122 14.79 -8.30 -7.48
CA VAL A 122 14.92 -9.26 -6.35
C VAL A 122 15.02 -8.45 -5.06
N TYR A 123 15.96 -7.50 -5.00
CA TYR A 123 16.16 -6.64 -3.80
C TYR A 123 14.83 -5.99 -3.42
N TYR A 124 14.21 -5.29 -4.38
CA TYR A 124 12.94 -4.55 -4.19
C TYR A 124 11.88 -5.47 -3.60
N MET A 125 11.51 -6.55 -4.31
CA MET A 125 10.42 -7.47 -3.87
C MET A 125 10.76 -7.99 -2.47
N SER A 126 12.00 -8.45 -2.28
CA SER A 126 12.47 -9.01 -0.98
C SER A 126 12.27 -7.96 0.14
N THR A 127 12.81 -6.77 -0.06
CA THR A 127 12.76 -5.67 0.95
C THR A 127 11.31 -5.31 1.26
N THR A 128 10.46 -5.22 0.24
CA THR A 128 9.02 -4.86 0.39
C THR A 128 8.29 -5.94 1.20
N ILE A 129 8.53 -7.22 0.91
CA ILE A 129 7.92 -8.35 1.66
C ILE A 129 8.39 -8.26 3.11
N ILE A 130 9.69 -7.98 3.32
CA ILE A 130 10.30 -7.81 4.66
C ILE A 130 9.55 -6.67 5.37
N ALA A 131 9.44 -5.52 4.73
CA ALA A 131 8.77 -4.33 5.28
C ALA A 131 7.33 -4.66 5.68
N ALA A 132 6.58 -5.30 4.79
CA ALA A 132 5.16 -5.70 5.05
C ALA A 132 5.06 -6.69 6.23
N VAL A 133 5.95 -7.68 6.30
CA VAL A 133 5.98 -8.68 7.40
C VAL A 133 6.30 -7.95 8.71
N LEU A 134 7.28 -7.03 8.71
CA LEU A 134 7.63 -6.22 9.93
C LEU A 134 6.37 -5.49 10.38
N GLY A 135 5.72 -4.78 9.46
CA GLY A 135 4.44 -4.10 9.71
C GLY A 135 3.48 -5.01 10.46
N VAL A 136 3.23 -6.20 9.89
CA VAL A 136 2.25 -7.19 10.43
C VAL A 136 2.63 -7.57 11.86
N ILE A 137 3.90 -7.95 12.07
CA ILE A 137 4.39 -8.39 13.41
C ILE A 137 4.13 -7.24 14.41
N LEU A 138 4.52 -6.01 14.06
CA LEU A 138 4.44 -4.86 14.98
C LEU A 138 2.98 -4.56 15.33
N VAL A 139 2.11 -4.51 14.32
CA VAL A 139 0.67 -4.18 14.54
C VAL A 139 0.02 -5.28 15.40
N LEU A 140 0.45 -6.54 15.25
CA LEU A 140 -0.07 -7.65 16.07
C LEU A 140 0.48 -7.52 17.49
N ALA A 141 1.79 -7.29 17.62
CA ALA A 141 2.48 -7.14 18.93
C ALA A 141 1.93 -5.90 19.66
N ILE A 142 2.21 -4.71 19.13
CA ILE A 142 1.77 -3.39 19.70
C ILE A 142 0.23 -3.41 19.84
N HIS A 143 -0.49 -4.00 18.88
CA HIS A 143 -1.97 -4.02 18.88
C HIS A 143 -2.52 -2.59 19.00
N PRO A 144 -2.18 -1.67 18.07
CA PRO A 144 -2.68 -0.29 18.15
C PRO A 144 -4.20 -0.17 18.21
N GLY A 145 -4.89 -0.96 17.38
CA GLY A 145 -6.37 -0.99 17.35
C GLY A 145 -6.87 -1.79 18.54
N ASN A 146 -7.85 -1.25 19.28
CA ASN A 146 -8.44 -1.92 20.48
C ASN A 146 -9.93 -2.14 20.22
N PRO A 147 -10.39 -3.41 20.14
CA PRO A 147 -11.82 -3.74 19.94
C PRO A 147 -12.84 -3.04 20.85
N SER A 163 -8.99 -25.52 12.07
CA SER A 163 -9.13 -24.13 11.56
C SER A 163 -7.77 -23.42 11.34
N SER A 164 -6.62 -24.06 11.55
CA SER A 164 -5.30 -23.45 11.25
C SER A 164 -4.96 -23.80 9.79
N LEU A 165 -4.71 -25.08 9.52
CA LEU A 165 -4.47 -25.62 8.15
C LEU A 165 -5.61 -25.22 7.20
N ASP A 166 -6.86 -25.27 7.67
CA ASP A 166 -8.06 -25.01 6.82
C ASP A 166 -7.94 -23.60 6.25
N ALA A 167 -7.63 -22.60 7.06
CA ALA A 167 -7.50 -21.18 6.63
C ALA A 167 -6.46 -21.05 5.52
N PHE A 168 -5.25 -21.59 5.72
CA PHE A 168 -4.18 -21.54 4.71
C PHE A 168 -4.63 -22.36 3.52
N LEU A 169 -5.34 -23.47 3.73
CA LEU A 169 -5.88 -24.29 2.61
C LEU A 169 -6.83 -23.45 1.73
N ASP A 170 -7.69 -22.70 2.35
CA ASP A 170 -8.57 -21.77 1.61
C ASP A 170 -7.74 -20.71 0.93
N LEU A 171 -6.81 -20.11 1.65
CA LEU A 171 -5.89 -19.13 1.01
C LEU A 171 -5.40 -19.70 -0.33
N ILE A 172 -4.89 -20.93 -0.28
CA ILE A 172 -4.25 -21.56 -1.47
C ILE A 172 -5.32 -21.82 -2.56
N ARG A 173 -6.49 -22.27 -2.16
CA ARG A 173 -7.62 -22.40 -3.10
C ARG A 173 -7.95 -21.04 -3.72
N ASN A 174 -8.21 -20.02 -2.90
CA ASN A 174 -8.60 -18.69 -3.44
C ASN A 174 -7.56 -18.18 -4.45
N LEU A 175 -6.36 -18.69 -4.41
CA LEU A 175 -5.29 -18.27 -5.33
C LEU A 175 -5.56 -18.88 -6.67
N PHE A 176 -6.29 -19.98 -6.75
CA PHE A 176 -6.72 -20.59 -8.07
C PHE A 176 -8.25 -20.65 -8.01
N PRO A 177 -8.89 -19.54 -8.41
CA PRO A 177 -10.33 -19.56 -8.35
C PRO A 177 -10.83 -20.48 -9.46
N GLU A 178 -11.69 -21.43 -9.11
CA GLU A 178 -12.36 -22.32 -10.10
C GLU A 178 -12.92 -21.47 -11.25
N ASN A 179 -13.42 -20.23 -11.00
CA ASN A 179 -14.11 -19.38 -12.01
C ASN A 179 -13.64 -17.92 -11.98
N LEU A 180 -13.15 -17.36 -13.10
CA LEU A 180 -12.74 -15.90 -13.08
C LEU A 180 -13.85 -14.91 -12.63
N VAL A 181 -15.00 -15.06 -13.24
CA VAL A 181 -16.10 -14.12 -13.02
C VAL A 181 -16.47 -14.20 -11.55
N GLN A 182 -16.73 -15.38 -11.06
CA GLN A 182 -17.34 -15.49 -9.72
C GLN A 182 -16.34 -14.86 -8.76
N ALA A 183 -15.01 -15.04 -9.00
CA ALA A 183 -13.91 -14.55 -8.13
C ALA A 183 -13.98 -13.05 -8.06
N CYS A 184 -14.39 -12.40 -9.14
CA CYS A 184 -14.61 -10.92 -9.12
C CYS A 184 -15.56 -10.42 -8.01
N PHE A 185 -16.30 -11.20 -7.32
CA PHE A 185 -17.24 -10.74 -6.29
C PHE A 185 -17.28 -11.71 -5.11
N GLN A 186 -16.81 -12.97 -5.24
CA GLN A 186 -16.91 -13.90 -4.08
C GLN A 186 -15.75 -14.85 -4.01
N GLN A 187 -15.57 -15.50 -2.86
CA GLN A 187 -14.40 -16.39 -2.63
C GLN A 187 -14.71 -17.53 -1.67
N ILE A 188 -13.92 -18.59 -1.83
CA ILE A 188 -14.10 -19.88 -1.12
C ILE A 188 -13.71 -19.76 0.34
N GLN A 189 -14.43 -20.46 1.17
CA GLN A 189 -14.24 -20.57 2.62
C GLN A 189 -14.45 -22.04 3.01
N THR A 190 -13.82 -22.52 4.08
CA THR A 190 -14.15 -23.84 4.66
C THR A 190 -15.23 -23.62 5.71
N VAL A 191 -16.17 -24.56 5.83
CA VAL A 191 -17.22 -24.57 6.90
C VAL A 191 -17.32 -25.94 7.56
N THR A 192 -17.59 -25.94 8.86
CA THR A 192 -17.68 -27.14 9.71
C THR A 192 -19.16 -27.50 9.87
N LYS A 193 -19.51 -28.76 9.65
CA LYS A 193 -20.90 -29.29 9.75
C LYS A 193 -20.93 -30.53 10.65
N ILE A 230 -18.87 -33.81 12.35
CA ILE A 230 -17.69 -32.92 12.11
C ILE A 230 -17.24 -33.03 10.64
N LYS A 231 -18.13 -32.66 9.72
CA LYS A 231 -17.98 -32.78 8.25
C LYS A 231 -17.66 -31.40 7.67
N LYS A 232 -16.41 -31.18 7.24
CA LYS A 232 -15.96 -29.93 6.60
C LYS A 232 -16.50 -29.84 5.16
N GLY A 233 -16.84 -28.62 4.72
CA GLY A 233 -17.22 -28.28 3.33
C GLY A 233 -16.61 -26.97 2.86
N LEU A 234 -16.45 -26.81 1.55
CA LEU A 234 -16.25 -25.47 0.94
C LEU A 234 -17.59 -24.80 0.69
N GLU A 235 -17.64 -23.49 0.86
CA GLU A 235 -18.81 -22.64 0.65
C GLU A 235 -18.32 -21.32 0.10
N PHE A 236 -19.13 -20.59 -0.67
CA PHE A 236 -18.78 -19.21 -1.10
C PHE A 236 -19.12 -18.25 0.04
N LYS A 237 -18.41 -17.14 0.06
CA LYS A 237 -18.62 -16.04 1.03
C LYS A 237 -18.49 -14.77 0.22
N ASP A 238 -19.32 -13.79 0.44
CA ASP A 238 -19.22 -12.62 -0.49
C ASP A 238 -17.85 -12.01 -0.33
N GLY A 239 -17.36 -11.42 -1.39
CA GLY A 239 -16.12 -10.64 -1.27
C GLY A 239 -15.15 -11.00 -2.34
N MET A 240 -14.70 -9.99 -3.08
CA MET A 240 -13.93 -10.18 -4.35
C MET A 240 -12.65 -10.90 -3.97
N ASN A 241 -12.26 -11.85 -4.81
CA ASN A 241 -11.06 -12.67 -4.59
C ASN A 241 -9.94 -11.85 -5.22
N VAL A 242 -9.34 -10.95 -4.43
CA VAL A 242 -8.25 -10.06 -4.93
C VAL A 242 -7.05 -10.91 -5.33
N LEU A 243 -6.66 -11.84 -4.42
CA LEU A 243 -5.57 -12.81 -4.69
C LEU A 243 -5.86 -13.74 -5.88
N GLY A 244 -7.10 -14.19 -6.03
CA GLY A 244 -7.57 -15.02 -7.16
C GLY A 244 -7.31 -14.32 -8.47
N LEU A 245 -7.68 -13.06 -8.55
CA LEU A 245 -7.68 -12.32 -9.84
C LEU A 245 -6.25 -11.83 -10.09
N ILE A 246 -5.60 -11.24 -9.08
CA ILE A 246 -4.23 -10.73 -9.22
C ILE A 246 -3.42 -11.88 -9.80
N GLY A 247 -3.44 -13.05 -9.14
CA GLY A 247 -2.71 -14.26 -9.55
C GLY A 247 -2.91 -14.67 -11.00
N PHE A 248 -4.15 -14.90 -11.36
CA PHE A 248 -4.48 -15.31 -12.75
C PHE A 248 -4.02 -14.22 -13.75
N PHE A 249 -4.24 -12.93 -13.51
CA PHE A 249 -3.81 -11.85 -14.45
C PHE A 249 -2.31 -11.75 -14.51
N ILE A 250 -1.62 -12.04 -13.42
CA ILE A 250 -0.13 -12.13 -13.44
C ILE A 250 0.24 -13.21 -14.46
N ALA A 251 -0.35 -14.41 -14.32
CA ALA A 251 -0.18 -15.51 -15.31
C ALA A 251 -0.45 -15.06 -16.75
N PHE A 252 -1.61 -14.43 -16.94
CA PHE A 252 -2.09 -13.94 -18.26
C PHE A 252 -1.04 -12.95 -18.84
N GLY A 253 -0.58 -11.96 -18.05
CA GLY A 253 0.33 -10.87 -18.47
C GLY A 253 1.69 -11.43 -18.81
N ILE A 254 2.16 -12.36 -17.98
CA ILE A 254 3.47 -13.02 -18.23
C ILE A 254 3.37 -13.81 -19.54
N ALA A 255 2.21 -14.44 -19.81
CA ALA A 255 1.96 -15.23 -21.02
C ALA A 255 1.94 -14.32 -22.24
N MET A 256 1.22 -13.23 -22.16
CA MET A 256 1.16 -12.26 -23.29
C MET A 256 2.57 -11.70 -23.54
N GLY A 257 3.22 -11.24 -22.47
CA GLY A 257 4.57 -10.65 -22.53
C GLY A 257 5.54 -11.50 -23.34
N LYS A 258 5.49 -12.80 -23.10
CA LYS A 258 6.35 -13.75 -23.80
C LYS A 258 5.97 -13.77 -25.27
N MET A 259 4.66 -13.74 -25.56
CA MET A 259 4.16 -13.82 -26.95
C MET A 259 4.97 -12.88 -27.87
N GLY A 260 5.14 -11.62 -27.44
CA GLY A 260 5.91 -10.60 -28.17
C GLY A 260 5.01 -9.67 -28.98
N ASP A 261 5.51 -9.14 -30.11
CA ASP A 261 4.77 -8.19 -30.98
C ASP A 261 3.47 -8.83 -31.49
N GLN A 262 3.36 -10.15 -31.44
CA GLN A 262 2.11 -10.87 -31.76
C GLN A 262 0.95 -10.37 -30.91
N ALA A 263 1.21 -10.11 -29.63
CA ALA A 263 0.20 -9.60 -28.67
C ALA A 263 0.08 -8.06 -28.73
N LYS A 264 0.67 -7.41 -29.74
CA LYS A 264 0.76 -5.94 -29.76
C LYS A 264 -0.62 -5.36 -29.52
N LEU A 265 -1.56 -5.78 -30.36
CA LEU A 265 -2.94 -5.26 -30.36
C LEU A 265 -3.47 -5.31 -28.92
N MET A 266 -3.59 -6.50 -28.34
CA MET A 266 -4.18 -6.71 -26.99
C MET A 266 -3.43 -5.83 -25.96
N VAL A 267 -2.11 -5.73 -26.11
CA VAL A 267 -1.28 -4.85 -25.24
C VAL A 267 -1.79 -3.40 -25.36
N ASP A 268 -1.95 -2.91 -26.58
CA ASP A 268 -2.36 -1.49 -26.85
C ASP A 268 -3.76 -1.23 -26.28
N PHE A 269 -4.66 -2.19 -26.51
CA PHE A 269 -6.03 -2.13 -25.96
C PHE A 269 -5.97 -1.93 -24.43
N PHE A 270 -5.22 -2.77 -23.73
CA PHE A 270 -5.15 -2.71 -22.24
C PHE A 270 -4.43 -1.46 -21.76
N ASN A 271 -3.45 -0.95 -22.53
CA ASN A 271 -2.82 0.38 -22.26
C ASN A 271 -3.89 1.48 -22.22
N ILE A 272 -4.76 1.50 -23.23
CA ILE A 272 -5.87 2.50 -23.36
C ILE A 272 -6.80 2.36 -22.14
N LEU A 273 -7.15 1.13 -21.81
CA LEU A 273 -8.02 0.86 -20.67
C LEU A 273 -7.38 1.47 -19.42
N ASN A 274 -6.10 1.23 -19.25
CA ASN A 274 -5.41 1.68 -18.01
C ASN A 274 -5.50 3.20 -17.93
N GLU A 275 -5.16 3.89 -19.03
CA GLU A 275 -5.30 5.38 -19.16
C GLU A 275 -6.69 5.89 -18.73
N ILE A 276 -7.74 5.29 -19.25
CA ILE A 276 -9.14 5.65 -18.93
C ILE A 276 -9.37 5.47 -17.43
N VAL A 277 -8.96 4.34 -16.86
CA VAL A 277 -9.30 4.01 -15.43
C VAL A 277 -8.53 4.99 -14.55
N MET A 278 -7.29 5.34 -14.93
CA MET A 278 -6.44 6.28 -14.16
C MET A 278 -7.07 7.68 -14.19
N LYS A 279 -7.62 8.11 -15.31
CA LYS A 279 -8.39 9.39 -15.39
C LYS A 279 -9.51 9.40 -14.36
N LEU A 280 -10.24 8.30 -14.27
CA LEU A 280 -11.39 8.19 -13.35
C LEU A 280 -10.89 8.24 -11.90
N VAL A 281 -9.75 7.56 -11.59
CA VAL A 281 -9.23 7.53 -10.18
C VAL A 281 -8.88 8.96 -9.79
N ILE A 282 -8.24 9.71 -10.71
CA ILE A 282 -7.81 11.14 -10.53
C ILE A 282 -9.06 11.97 -10.24
N MET A 283 -10.10 11.83 -11.09
CA MET A 283 -11.32 12.62 -10.92
C MET A 283 -11.95 12.32 -9.53
N ILE A 284 -11.97 11.07 -9.11
CA ILE A 284 -12.63 10.67 -7.83
C ILE A 284 -11.83 11.24 -6.66
N MET A 285 -10.52 11.09 -6.69
CA MET A 285 -9.65 11.61 -5.62
C MET A 285 -9.83 13.15 -5.53
N TRP A 286 -10.18 13.84 -6.63
CA TRP A 286 -10.62 15.29 -6.60
C TRP A 286 -11.91 15.48 -5.79
N TYR A 287 -12.85 14.56 -5.88
CA TYR A 287 -14.05 14.53 -5.00
C TYR A 287 -13.72 14.04 -3.58
N SER A 288 -12.52 13.50 -3.35
CA SER A 288 -12.10 12.88 -2.08
C SER A 288 -12.19 13.83 -0.88
N PRO A 289 -11.60 15.07 -0.96
CA PRO A 289 -11.63 16.05 0.13
C PRO A 289 -12.99 16.24 0.82
N LEU A 290 -14.04 16.41 0.02
CA LEU A 290 -15.42 16.46 0.54
C LEU A 290 -15.74 15.13 1.23
N GLY A 291 -15.53 14.01 0.52
CA GLY A 291 -15.85 12.67 1.03
C GLY A 291 -15.18 12.44 2.36
N ILE A 292 -13.87 12.72 2.43
CA ILE A 292 -13.05 12.51 3.67
C ILE A 292 -13.62 13.37 4.80
N ALA A 293 -13.91 14.64 4.48
CA ALA A 293 -14.50 15.59 5.46
C ALA A 293 -15.79 15.01 6.03
N CYS A 294 -16.69 14.57 5.15
CA CYS A 294 -17.99 13.96 5.56
C CYS A 294 -17.76 12.74 6.45
N LEU A 295 -16.84 11.84 6.06
CA LEU A 295 -16.54 10.59 6.81
C LEU A 295 -16.05 10.90 8.21
N ILE A 296 -15.10 11.82 8.30
CA ILE A 296 -14.49 12.24 9.59
C ILE A 296 -15.58 12.89 10.45
N CYS A 297 -16.40 13.78 9.90
CA CYS A 297 -17.50 14.46 10.65
C CYS A 297 -18.43 13.39 11.24
N GLY A 298 -18.80 12.41 10.42
CA GLY A 298 -19.64 11.28 10.87
C GLY A 298 -18.96 10.41 11.90
N LYS A 299 -17.68 10.10 11.67
CA LYS A 299 -16.93 9.19 12.58
C LYS A 299 -16.85 9.77 13.99
N ILE A 300 -16.62 11.08 14.07
CA ILE A 300 -16.55 11.83 15.36
C ILE A 300 -17.93 11.81 16.04
N ILE A 301 -18.99 12.03 15.27
CA ILE A 301 -20.36 12.10 15.85
C ILE A 301 -20.73 10.73 16.43
N ALA A 302 -20.24 9.65 15.83
CA ALA A 302 -20.54 8.28 16.28
C ALA A 302 -19.66 7.90 17.47
N ILE A 303 -18.36 8.21 17.41
CA ILE A 303 -17.40 7.81 18.48
C ILE A 303 -18.01 8.12 19.84
N LYS A 304 -17.94 7.17 20.76
CA LYS A 304 -18.48 7.35 22.13
C LYS A 304 -17.45 8.05 23.01
N ASP A 305 -16.17 7.69 22.92
CA ASP A 305 -15.11 8.27 23.80
C ASP A 305 -13.93 8.70 22.93
N LEU A 306 -13.89 9.99 22.60
CA LEU A 306 -12.79 10.65 21.82
C LEU A 306 -11.41 10.20 22.32
N GLU A 307 -11.22 10.21 23.64
CA GLU A 307 -9.93 9.85 24.28
C GLU A 307 -9.47 8.47 23.79
N VAL A 308 -10.35 7.48 23.90
CA VAL A 308 -10.02 6.06 23.52
C VAL A 308 -9.59 6.03 22.06
N VAL A 309 -10.38 6.63 21.19
CA VAL A 309 -10.16 6.58 19.71
C VAL A 309 -8.90 7.39 19.41
N ALA A 310 -8.75 8.57 20.01
CA ALA A 310 -7.54 9.42 19.85
C ALA A 310 -6.32 8.59 20.26
N ARG A 311 -6.39 7.94 21.42
CA ARG A 311 -5.30 7.07 21.96
C ARG A 311 -4.96 5.98 20.94
N GLN A 312 -5.98 5.27 20.43
CA GLN A 312 -5.79 4.15 19.46
C GLN A 312 -5.10 4.67 18.20
N LEU A 313 -5.58 5.78 17.65
CA LEU A 313 -5.02 6.33 16.39
C LEU A 313 -3.57 6.79 16.58
N GLY A 314 -3.29 7.44 17.72
CA GLY A 314 -1.92 7.82 18.11
C GLY A 314 -1.01 6.60 18.22
N MET A 315 -1.52 5.54 18.85
CA MET A 315 -0.77 4.27 19.00
C MET A 315 -0.46 3.70 17.60
N TYR A 316 -1.44 3.72 16.70
CA TYR A 316 -1.27 3.27 15.28
C TYR A 316 -0.15 4.05 14.58
N MET A 317 -0.17 5.37 14.77
CA MET A 317 0.85 6.27 14.20
C MET A 317 2.23 5.90 14.74
N VAL A 318 2.38 5.74 16.05
CA VAL A 318 3.67 5.32 16.67
C VAL A 318 4.09 3.96 16.06
N THR A 319 3.14 3.02 15.96
CA THR A 319 3.39 1.66 15.39
C THR A 319 3.94 1.75 13.97
N VAL A 320 3.30 2.57 13.15
CA VAL A 320 3.80 2.86 11.77
C VAL A 320 5.19 3.47 11.87
N ILE A 321 5.38 4.45 12.75
CA ILE A 321 6.67 5.14 13.02
C ILE A 321 7.74 4.11 13.41
N ILE A 322 7.47 3.33 14.45
CA ILE A 322 8.42 2.29 14.94
C ILE A 322 8.81 1.42 13.77
N GLY A 323 7.84 0.91 13.02
CA GLY A 323 8.16 0.02 11.90
C GLY A 323 9.01 0.68 10.86
N LEU A 324 8.70 1.90 10.46
CA LEU A 324 9.56 2.68 9.52
C LEU A 324 11.01 2.74 10.04
N ILE A 325 11.18 3.01 11.34
CA ILE A 325 12.52 3.07 11.99
C ILE A 325 13.21 1.69 11.90
N ILE A 326 12.63 0.65 12.45
CA ILE A 326 13.22 -0.70 12.40
C ILE A 326 13.58 -1.10 10.97
N HIS A 327 12.68 -0.94 10.01
CA HIS A 327 12.96 -1.39 8.62
C HIS A 327 14.13 -0.59 8.01
N GLY A 328 14.11 0.74 8.17
CA GLY A 328 15.10 1.65 7.56
C GLY A 328 16.37 1.78 8.39
N GLY A 329 16.23 1.78 9.72
CA GLY A 329 17.33 2.05 10.65
C GLY A 329 18.14 0.81 10.97
N ILE A 330 17.61 -0.37 10.71
CA ILE A 330 18.22 -1.63 11.18
C ILE A 330 18.25 -2.59 10.01
N PHE A 331 17.09 -3.02 9.54
CA PHE A 331 16.94 -4.04 8.45
C PHE A 331 17.72 -3.62 7.21
N LEU A 332 17.39 -2.48 6.61
CA LEU A 332 18.11 -1.96 5.41
C LEU A 332 19.63 -1.96 5.63
N PRO A 333 20.16 -1.25 6.67
CA PRO A 333 21.59 -1.16 6.90
C PRO A 333 22.26 -2.53 7.14
N LEU A 334 21.61 -3.38 7.93
CA LEU A 334 22.11 -4.76 8.24
C LEU A 334 22.28 -5.52 6.92
N ILE A 335 21.22 -5.53 6.10
CA ILE A 335 21.19 -6.26 4.80
C ILE A 335 22.35 -5.70 3.97
N TYR A 336 22.51 -4.38 3.93
CA TYR A 336 23.65 -3.73 3.24
C TYR A 336 24.95 -4.40 3.68
N PHE A 337 25.20 -4.47 5.00
CA PHE A 337 26.47 -5.03 5.52
C PHE A 337 26.53 -6.52 5.17
N VAL A 338 25.52 -7.29 5.54
CA VAL A 338 25.47 -8.77 5.30
C VAL A 338 25.90 -9.07 3.85
N VAL A 339 25.45 -8.29 2.87
CA VAL A 339 25.77 -8.52 1.43
C VAL A 339 27.04 -7.76 1.03
N THR A 340 27.23 -6.53 1.49
CA THR A 340 28.34 -5.63 1.06
C THR A 340 29.55 -5.86 1.94
N ARG A 341 29.36 -6.29 3.19
CA ARG A 341 30.38 -6.32 4.28
C ARG A 341 31.09 -4.96 4.35
N LYS A 342 30.36 -3.86 4.17
CA LYS A 342 30.88 -2.48 4.26
C LYS A 342 30.10 -1.74 5.34
N ASN A 343 30.58 -0.55 5.74
CA ASN A 343 29.96 0.25 6.82
C ASN A 343 28.64 0.84 6.29
N PRO A 344 27.47 0.41 6.82
CA PRO A 344 26.19 1.03 6.47
C PRO A 344 26.15 2.53 6.83
N PHE A 345 26.75 2.90 7.96
CA PHE A 345 26.86 4.33 8.40
C PHE A 345 27.73 5.10 7.38
N SER A 346 28.81 4.48 6.89
CA SER A 346 29.67 5.08 5.83
C SER A 346 28.82 5.24 4.58
N PHE A 347 28.02 4.21 4.25
CA PHE A 347 27.07 4.27 3.11
C PHE A 347 26.02 5.35 3.35
N PHE A 348 25.51 5.44 4.58
CA PHE A 348 24.41 6.38 4.93
C PHE A 348 24.98 7.78 5.10
N ALA A 349 26.23 7.89 5.55
CA ALA A 349 26.84 9.20 5.87
C ALA A 349 26.75 10.13 4.65
N GLY A 350 27.17 9.62 3.50
CA GLY A 350 27.17 10.35 2.21
C GLY A 350 25.78 10.79 1.78
N ILE A 351 24.80 9.90 1.93
CA ILE A 351 23.43 10.13 1.39
C ILE A 351 22.68 11.16 2.24
N PHE A 352 23.20 11.57 3.40
CA PHE A 352 22.46 12.51 4.30
C PHE A 352 21.66 13.55 3.49
N GLN A 353 22.31 14.18 2.51
CA GLN A 353 21.65 15.16 1.62
C GLN A 353 20.43 14.52 0.93
N ALA A 354 20.60 13.31 0.43
CA ALA A 354 19.52 12.55 -0.25
C ALA A 354 18.34 12.34 0.71
N TRP A 355 18.58 11.81 1.90
CA TRP A 355 17.50 11.62 2.90
C TRP A 355 16.81 12.97 3.21
N ILE A 356 17.60 14.05 3.25
CA ILE A 356 17.07 15.41 3.52
C ILE A 356 16.12 15.82 2.42
N THR A 357 16.54 15.72 1.18
CA THR A 357 15.67 16.04 0.03
C THR A 357 14.41 15.20 0.16
N ALA A 358 14.58 13.93 0.49
CA ALA A 358 13.45 12.98 0.69
C ALA A 358 12.40 13.60 1.60
N LEU A 359 12.81 14.01 2.81
CA LEU A 359 11.91 14.69 3.77
C LEU A 359 11.44 16.02 3.16
N GLY A 360 12.37 16.79 2.57
CA GLY A 360 12.10 18.13 2.01
C GLY A 360 11.07 18.08 0.90
N THR A 361 11.29 17.23 -0.10
CA THR A 361 10.40 17.11 -1.29
C THR A 361 9.23 16.20 -0.93
N ALA A 362 9.37 15.38 0.13
CA ALA A 362 8.32 14.42 0.52
C ALA A 362 7.86 13.63 -0.72
N SER A 363 8.75 13.47 -1.72
CA SER A 363 8.44 12.81 -3.01
C SER A 363 9.71 12.27 -3.64
N SER A 364 9.89 10.95 -3.69
CA SER A 364 11.10 10.31 -4.30
C SER A 364 11.41 10.94 -5.67
N ALA A 365 10.38 11.21 -6.48
CA ALA A 365 10.44 11.91 -7.78
C ALA A 365 11.26 13.19 -7.66
N GLY A 366 10.93 14.05 -6.69
CA GLY A 366 11.65 15.32 -6.47
C GLY A 366 12.99 15.07 -5.79
N THR A 367 13.07 14.02 -4.97
CA THR A 367 14.32 13.56 -4.30
C THR A 367 15.26 12.88 -5.30
N LEU A 368 14.76 12.52 -6.48
CA LEU A 368 15.45 11.64 -7.46
C LEU A 368 16.78 12.24 -7.92
N PRO A 369 16.85 13.49 -8.46
CA PRO A 369 18.14 14.06 -8.92
C PRO A 369 19.19 14.21 -7.82
N VAL A 370 18.76 14.48 -6.57
CA VAL A 370 19.69 14.64 -5.42
C VAL A 370 20.33 13.27 -5.11
N THR A 371 19.54 12.20 -5.13
CA THR A 371 20.00 10.84 -4.75
C THR A 371 20.85 10.25 -5.88
N PHE A 372 20.60 10.61 -7.14
CA PHE A 372 21.58 10.40 -8.25
C PHE A 372 22.94 10.93 -7.81
N ARG A 373 22.97 12.22 -7.49
CA ARG A 373 24.18 12.98 -7.07
C ARG A 373 24.85 12.22 -5.92
N CYS A 374 24.09 11.97 -4.86
CA CYS A 374 24.61 11.43 -3.56
C CYS A 374 25.30 10.07 -3.74
N LEU A 375 24.84 9.24 -4.68
CA LEU A 375 25.45 7.89 -4.89
C LEU A 375 26.57 7.99 -5.93
N GLU A 376 26.39 8.81 -6.96
CA GLU A 376 27.39 8.99 -8.04
C GLU A 376 28.64 9.68 -7.49
N GLU A 377 28.45 10.75 -6.71
CA GLU A 377 29.55 11.63 -6.24
C GLU A 377 30.12 11.07 -4.93
N ASN A 378 29.28 10.85 -3.91
CA ASN A 378 29.75 10.64 -2.51
C ASN A 378 30.14 9.18 -2.33
N LEU A 379 29.24 8.25 -2.66
CA LEU A 379 29.50 6.79 -2.55
C LEU A 379 30.32 6.33 -3.76
N GLY A 380 30.17 6.99 -4.91
CA GLY A 380 30.91 6.65 -6.13
C GLY A 380 30.37 5.39 -6.78
N ILE A 381 29.04 5.24 -6.84
CA ILE A 381 28.37 4.07 -7.48
C ILE A 381 28.33 4.34 -8.98
N ASP A 382 28.59 3.30 -9.76
CA ASP A 382 28.73 3.39 -11.24
C ASP A 382 27.41 3.92 -11.81
N LYS A 383 27.48 4.99 -12.58
CA LYS A 383 26.28 5.68 -13.16
C LYS A 383 25.32 4.66 -13.78
N ARG A 384 25.83 3.59 -14.38
CA ARG A 384 24.99 2.49 -14.92
C ARG A 384 23.99 2.03 -13.85
N VAL A 385 24.50 1.49 -12.75
CA VAL A 385 23.66 0.93 -11.65
C VAL A 385 22.76 2.07 -11.15
N THR A 386 23.35 3.25 -10.93
CA THR A 386 22.62 4.45 -10.47
C THR A 386 21.53 4.84 -11.47
N ARG A 387 21.79 4.66 -12.77
CA ARG A 387 20.88 5.04 -13.89
C ARG A 387 19.71 4.05 -14.00
N PHE A 388 19.71 2.94 -13.26
CA PHE A 388 18.64 1.92 -13.31
C PHE A 388 17.97 1.75 -11.96
N VAL A 389 18.75 1.46 -10.92
CA VAL A 389 18.19 1.10 -9.58
C VAL A 389 17.32 2.26 -9.06
N LEU A 390 17.84 3.49 -9.13
CA LEU A 390 17.14 4.70 -8.61
C LEU A 390 15.80 4.88 -9.32
N PRO A 391 15.75 5.01 -10.68
CA PRO A 391 14.49 5.26 -11.38
C PRO A 391 13.46 4.14 -11.21
N VAL A 392 13.89 2.88 -11.35
CA VAL A 392 13.00 1.69 -11.19
C VAL A 392 12.39 1.71 -9.77
N GLY A 393 13.25 1.89 -8.76
CA GLY A 393 12.83 1.93 -7.34
C GLY A 393 11.87 3.06 -7.05
N ALA A 394 12.11 4.24 -7.66
CA ALA A 394 11.26 5.45 -7.47
C ALA A 394 9.78 5.15 -7.74
N THR A 395 9.46 4.09 -8.49
CA THR A 395 8.06 3.66 -8.78
C THR A 395 7.71 2.27 -8.25
N ILE A 396 8.65 1.46 -7.76
CA ILE A 396 8.27 0.09 -7.28
C ILE A 396 8.83 -0.19 -5.91
N ASN A 397 10.03 0.25 -5.58
CA ASN A 397 10.58 -0.02 -4.22
C ASN A 397 9.96 0.97 -3.23
N MET A 398 8.94 0.55 -2.48
CA MET A 398 8.20 1.40 -1.50
C MET A 398 8.02 0.62 -0.20
N ASP A 399 9.13 0.32 0.48
CA ASP A 399 9.11 -0.48 1.74
C ASP A 399 8.32 0.25 2.83
N GLY A 400 8.53 1.54 2.99
CA GLY A 400 7.75 2.37 3.93
C GLY A 400 6.27 2.33 3.63
N THR A 401 5.88 2.36 2.36
CA THR A 401 4.46 2.33 1.94
C THR A 401 3.84 0.99 2.36
N ALA A 402 4.52 -0.12 2.05
CA ALA A 402 4.04 -1.49 2.35
C ALA A 402 3.78 -1.66 3.85
N LEU A 403 4.69 -1.15 4.67
CA LEU A 403 4.61 -1.30 6.14
C LEU A 403 3.40 -0.53 6.64
N TYR A 404 3.23 0.70 6.16
CA TYR A 404 2.08 1.56 6.51
C TYR A 404 0.79 0.79 6.18
N GLU A 405 0.71 0.28 4.95
CA GLU A 405 -0.47 -0.44 4.39
C GLU A 405 -0.80 -1.75 5.12
N ALA A 406 0.18 -2.44 5.67
CA ALA A 406 -0.09 -3.65 6.48
C ALA A 406 -0.57 -3.27 7.88
N VAL A 407 0.12 -2.33 8.53
CA VAL A 407 -0.21 -1.90 9.93
C VAL A 407 -1.62 -1.30 9.88
N ALA A 408 -1.88 -0.44 8.88
CA ALA A 408 -3.20 0.19 8.71
C ALA A 408 -4.29 -0.86 8.55
N ALA A 409 -4.07 -1.85 7.68
CA ALA A 409 -5.07 -2.92 7.43
C ALA A 409 -5.41 -3.70 8.69
N ILE A 410 -4.38 -4.13 9.43
CA ILE A 410 -4.63 -4.88 10.71
C ILE A 410 -5.19 -3.94 11.79
N PHE A 411 -4.85 -2.64 11.75
CA PHE A 411 -5.34 -1.63 12.74
C PHE A 411 -6.86 -1.47 12.56
N ILE A 412 -7.27 -1.31 11.28
CA ILE A 412 -8.71 -1.20 10.91
C ILE A 412 -9.37 -2.52 11.32
N ALA A 413 -8.69 -3.64 11.07
CA ALA A 413 -9.24 -4.93 11.53
C ALA A 413 -9.44 -4.89 13.04
N GLN A 414 -8.41 -4.45 13.75
CA GLN A 414 -8.40 -4.56 15.22
C GLN A 414 -9.45 -3.63 15.80
N MET A 415 -9.45 -2.37 15.38
CA MET A 415 -10.45 -1.38 15.87
C MET A 415 -11.87 -1.93 15.66
N ASN A 416 -12.07 -2.76 14.63
CA ASN A 416 -13.42 -3.32 14.31
C ASN A 416 -13.63 -4.66 15.02
N GLY A 417 -12.87 -4.98 16.07
CA GLY A 417 -12.99 -6.25 16.83
C GLY A 417 -13.01 -7.47 15.96
N VAL A 418 -12.12 -7.53 14.95
CA VAL A 418 -12.02 -8.67 13.99
C VAL A 418 -10.59 -9.22 14.11
N VAL A 419 -10.45 -10.46 14.56
CA VAL A 419 -9.14 -11.17 14.56
C VAL A 419 -8.97 -11.74 13.16
N LEU A 420 -7.87 -11.41 12.50
CA LEU A 420 -7.52 -12.04 11.22
C LEU A 420 -6.91 -13.42 11.46
N ASP A 421 -7.46 -14.43 10.76
CA ASP A 421 -6.88 -15.78 10.58
C ASP A 421 -5.53 -15.73 9.84
N GLY A 422 -4.76 -16.79 10.00
CA GLY A 422 -3.43 -16.92 9.38
C GLY A 422 -3.41 -16.55 7.91
N GLY A 423 -4.45 -16.94 7.16
CA GLY A 423 -4.54 -16.66 5.71
C GLY A 423 -4.80 -15.20 5.44
N GLN A 424 -5.75 -14.61 6.18
CA GLN A 424 -6.09 -13.16 6.07
C GLN A 424 -4.82 -12.33 6.30
N ILE A 425 -3.98 -12.72 7.26
CA ILE A 425 -2.70 -12.02 7.56
C ILE A 425 -1.77 -12.15 6.34
N VAL A 426 -1.71 -13.34 5.76
CA VAL A 426 -0.88 -13.58 4.53
C VAL A 426 -1.48 -12.76 3.37
N THR A 427 -2.82 -12.69 3.31
CA THR A 427 -3.50 -11.88 2.27
C THR A 427 -3.05 -10.42 2.41
N VAL A 428 -3.02 -9.91 3.66
CA VAL A 428 -2.58 -8.50 3.94
C VAL A 428 -1.13 -8.35 3.45
N SER A 429 -0.25 -9.25 3.88
CA SER A 429 1.20 -9.19 3.50
C SER A 429 1.32 -9.19 1.96
N LEU A 430 0.60 -10.08 1.28
CA LEU A 430 0.71 -10.22 -0.18
C LEU A 430 0.16 -8.94 -0.82
N THR A 431 -1.06 -8.52 -0.42
CA THR A 431 -1.73 -7.35 -1.05
C THR A 431 -0.95 -6.07 -0.69
N ALA A 432 -0.56 -5.94 0.59
CA ALA A 432 0.26 -4.79 1.06
C ALA A 432 1.46 -4.53 0.15
N THR A 433 2.24 -5.56 -0.17
CA THR A 433 3.39 -5.46 -1.13
C THR A 433 2.94 -4.95 -2.52
N LEU A 434 1.93 -5.61 -3.11
CA LEU A 434 1.35 -5.22 -4.43
C LEU A 434 0.77 -3.81 -4.32
N ALA A 435 0.06 -3.53 -3.23
CA ALA A 435 -0.59 -2.23 -3.02
C ALA A 435 0.49 -1.13 -3.02
N SER A 436 1.64 -1.37 -2.37
CA SER A 436 2.74 -0.38 -2.30
C SER A 436 3.37 -0.20 -3.69
N VAL A 437 3.60 -1.29 -4.43
CA VAL A 437 4.11 -1.13 -5.84
C VAL A 437 3.09 -0.38 -6.71
N GLY A 438 1.80 -0.44 -6.35
CA GLY A 438 0.73 0.33 -7.01
C GLY A 438 0.59 1.73 -6.54
N ALA A 439 0.47 1.90 -5.23
CA ALA A 439 0.34 3.26 -4.62
C ALA A 439 1.48 4.13 -5.16
N ALA A 440 2.59 3.50 -5.53
CA ALA A 440 3.78 4.12 -6.16
C ALA A 440 3.66 4.40 -7.66
N SER A 441 2.97 3.55 -8.42
CA SER A 441 2.87 3.66 -9.89
C SER A 441 1.63 4.49 -10.26
N ILE A 442 0.47 4.04 -9.80
CA ILE A 442 -0.86 4.61 -10.14
C ILE A 442 -0.88 6.02 -9.56
N PRO A 443 -1.23 7.09 -10.32
CA PRO A 443 -1.21 8.46 -9.78
C PRO A 443 -2.38 8.74 -8.82
N SER A 444 -2.11 9.38 -7.69
CA SER A 444 -3.11 9.71 -6.64
C SER A 444 -3.92 8.47 -6.26
N ALA A 445 -3.24 7.33 -6.05
CA ALA A 445 -3.91 6.03 -5.76
C ALA A 445 -3.75 5.61 -4.29
N GLY A 446 -3.47 6.57 -3.41
CA GLY A 446 -3.28 6.31 -1.96
C GLY A 446 -4.50 5.69 -1.30
N LEU A 447 -5.70 6.19 -1.60
CA LEU A 447 -6.99 5.69 -1.01
C LEU A 447 -7.50 4.45 -1.77
N VAL A 448 -7.14 4.27 -3.05
CA VAL A 448 -7.62 3.10 -3.87
C VAL A 448 -6.96 1.89 -3.22
N THR A 449 -5.62 1.90 -3.17
CA THR A 449 -4.80 0.76 -2.65
C THR A 449 -5.26 0.35 -1.27
N MET A 450 -5.54 1.29 -0.37
CA MET A 450 -6.01 0.94 0.98
C MET A 450 -7.37 0.23 0.98
N LEU A 451 -8.27 0.60 0.08
CA LEU A 451 -9.53 -0.18 -0.05
C LEU A 451 -9.19 -1.57 -0.62
N LEU A 452 -8.24 -1.67 -1.56
CA LEU A 452 -7.81 -2.99 -2.12
C LEU A 452 -7.37 -3.95 -1.02
N ILE A 453 -6.50 -3.48 -0.13
CA ILE A 453 -6.04 -4.31 1.00
C ILE A 453 -7.26 -4.68 1.90
N LEU A 454 -8.10 -3.70 2.22
CA LEU A 454 -9.25 -3.94 3.11
C LEU A 454 -10.24 -4.86 2.40
N THR A 455 -10.53 -4.61 1.12
CA THR A 455 -11.44 -5.47 0.33
C THR A 455 -10.85 -6.89 0.29
N ALA A 456 -9.53 -7.02 0.16
CA ALA A 456 -8.83 -8.33 0.13
C ALA A 456 -9.03 -9.08 1.45
N VAL A 457 -8.92 -8.43 2.59
CA VAL A 457 -9.06 -9.15 3.90
C VAL A 457 -10.57 -9.20 4.27
N GLY A 458 -11.42 -8.48 3.53
CA GLY A 458 -12.86 -8.39 3.80
C GLY A 458 -13.13 -7.60 5.07
N LEU A 459 -12.59 -6.39 5.16
CA LEU A 459 -12.79 -5.49 6.34
C LEU A 459 -13.82 -4.42 6.03
N PRO A 460 -14.36 -3.68 7.06
CA PRO A 460 -15.36 -2.62 6.88
C PRO A 460 -15.11 -1.63 5.74
N THR A 461 -13.88 -1.14 5.58
CA THR A 461 -13.47 -0.19 4.51
C THR A 461 -13.99 1.23 4.76
N GLU A 462 -14.70 1.49 5.86
CA GLU A 462 -15.16 2.85 6.22
C GLU A 462 -14.15 3.51 7.12
N ASP A 463 -13.54 2.79 8.06
CA ASP A 463 -12.61 3.41 9.04
C ASP A 463 -11.38 3.96 8.32
N ILE A 464 -11.21 3.67 7.03
CA ILE A 464 -10.18 4.31 6.17
C ILE A 464 -10.08 5.84 6.42
N SER A 465 -11.17 6.51 6.82
CA SER A 465 -11.18 7.94 7.21
C SER A 465 -10.16 8.30 8.30
N LEU A 466 -10.14 7.59 9.43
CA LEU A 466 -9.15 7.85 10.51
C LEU A 466 -7.77 7.81 9.89
N LEU A 467 -7.42 6.75 9.20
CA LEU A 467 -6.05 6.70 8.62
C LEU A 467 -5.71 7.98 7.82
N VAL A 468 -6.68 8.53 7.08
CA VAL A 468 -6.47 9.77 6.27
C VAL A 468 -6.16 10.94 7.21
N ALA A 469 -6.87 11.04 8.34
CA ALA A 469 -6.71 12.15 9.31
C ALA A 469 -5.25 12.32 9.73
N VAL A 470 -4.44 11.27 9.66
CA VAL A 470 -3.04 11.28 10.13
C VAL A 470 -2.05 10.91 9.03
N ASP A 471 -2.52 10.52 7.85
CA ASP A 471 -1.65 10.12 6.71
C ASP A 471 -0.60 11.21 6.46
N TRP A 472 -1.03 12.49 6.49
CA TRP A 472 -0.19 13.68 6.24
C TRP A 472 1.06 13.75 7.13
N LEU A 473 0.99 13.27 8.38
CA LEU A 473 2.16 13.23 9.30
C LEU A 473 3.08 12.08 8.90
N LEU A 474 2.49 10.89 8.76
CA LEU A 474 3.25 9.65 8.43
C LEU A 474 3.85 9.74 7.03
N ASP A 475 3.27 10.54 6.12
CA ASP A 475 3.71 10.64 4.70
C ASP A 475 5.19 10.99 4.60
N ARG A 476 5.64 12.00 5.33
CA ARG A 476 7.07 12.44 5.34
C ARG A 476 7.99 11.23 5.60
N MET A 477 7.85 10.61 6.76
CA MET A 477 8.70 9.47 7.16
C MET A 477 8.64 8.42 6.06
N ARG A 478 7.45 7.91 5.73
CA ARG A 478 7.34 6.76 4.80
C ARG A 478 8.06 7.10 3.48
N THR A 479 7.94 8.35 3.00
CA THR A 479 8.64 8.80 1.76
C THR A 479 10.15 8.58 1.94
N SER A 480 10.70 9.11 3.03
CA SER A 480 12.17 9.04 3.30
C SER A 480 12.64 7.57 3.36
N VAL A 481 11.88 6.71 4.03
CA VAL A 481 12.18 5.25 4.16
C VAL A 481 12.32 4.64 2.75
N ASN A 482 11.38 4.97 1.86
CA ASN A 482 11.37 4.45 0.46
C ASN A 482 12.65 4.91 -0.25
N VAL A 483 13.00 6.20 -0.12
CA VAL A 483 14.22 6.79 -0.75
C VAL A 483 15.46 6.05 -0.23
N VAL A 484 15.56 5.87 1.08
CA VAL A 484 16.73 5.20 1.74
C VAL A 484 16.93 3.82 1.10
N GLY A 485 15.85 3.02 1.03
CA GLY A 485 15.88 1.65 0.47
C GLY A 485 16.48 1.61 -0.92
N ASP A 486 16.06 2.54 -1.78
CA ASP A 486 16.52 2.61 -3.19
C ASP A 486 18.05 2.82 -3.21
N SER A 487 18.55 3.72 -2.35
CA SER A 487 20.00 4.04 -2.24
C SER A 487 20.78 2.78 -1.83
N PHE A 488 20.34 2.11 -0.75
CA PHE A 488 20.94 0.84 -0.27
C PHE A 488 20.95 -0.21 -1.40
N GLY A 489 19.84 -0.32 -2.12
CA GLY A 489 19.70 -1.24 -3.27
C GLY A 489 20.75 -0.98 -4.32
N ALA A 490 20.97 0.30 -4.65
CA ALA A 490 21.96 0.73 -5.67
C ALA A 490 23.35 0.25 -5.22
N GLY A 491 23.71 0.50 -3.95
CA GLY A 491 24.96 0.01 -3.32
C GLY A 491 25.07 -1.50 -3.40
N ILE A 492 24.00 -2.20 -3.04
CA ILE A 492 23.95 -3.69 -3.01
C ILE A 492 24.08 -4.22 -4.44
N VAL A 493 23.32 -3.64 -5.37
CA VAL A 493 23.33 -4.11 -6.79
C VAL A 493 24.73 -3.90 -7.34
N TYR A 494 25.29 -2.70 -7.14
CA TYR A 494 26.68 -2.37 -7.57
C TYR A 494 27.66 -3.37 -6.97
N HIS A 495 27.55 -3.68 -5.68
CA HIS A 495 28.44 -4.64 -4.99
C HIS A 495 28.27 -6.03 -5.58
N LEU A 496 27.01 -6.43 -5.81
CA LEU A 496 26.72 -7.77 -6.39
C LEU A 496 27.01 -7.77 -7.89
N SER A 497 27.21 -6.59 -8.51
CA SER A 497 27.61 -6.41 -9.92
C SER A 497 29.05 -5.90 -10.01
N LYS A 498 30.01 -6.72 -9.63
CA LYS A 498 31.47 -6.49 -9.88
C LYS A 498 32.04 -7.52 -10.85
N SER A 499 31.27 -8.52 -11.28
CA SER A 499 31.58 -9.36 -12.48
C SER A 499 31.89 -8.44 -13.66
N GLU A 500 30.95 -7.55 -13.97
CA GLU A 500 31.11 -6.38 -14.87
C GLU A 500 31.59 -6.84 -16.26
#